data_5E6V
#
_entry.id   5E6V
#
_cell.length_a   58.600
_cell.length_b   31.818
_cell.length_c   74.950
_cell.angle_alpha   90.00
_cell.angle_beta   91.20
_cell.angle_gamma   90.00
#
_symmetry.space_group_name_H-M   'P 1 21 1'
#
loop_
_entity.id
_entity.type
_entity.pdbx_description
1 polymer 'Integrin beta-2'
2 branched 2-acetamido-2-deoxy-beta-D-glucopyranose-(1-4)-2-acetamido-2-deoxy-beta-D-glucopyranose
3 branched 2-acetamido-2-deoxy-beta-D-glucopyranose-(1-4)-[beta-L-fucopyranose-(1-6)]2-acetamido-2-deoxy-beta-D-glucopyranose
4 water water
#
_entity_poly.entity_id   1
_entity_poly.type   'polypeptide(L)'
_entity_poly.pdbx_seq_one_letter_code
;(PCA)ECTKFKVSSCRECIESGPGCTWCQKLNFTGPGDPDSIRCDTRPQLLMRGCAADDIMDPTSLAETQEDHNGGQKQL
SPQKVTLYLRPGQAAAFNVTFRRAKGYSRVFLDHNALPDTLKVTYDSFCSNGVTHRNQPRGDCDGVQINVPITFQVKVTA
TECIQEQSFVIRALGFTDIVTVQVLPQCECRCRDQSRDRSLCHGKGFLECGICRCDTGYIGKNCEHHH
;
_entity_poly.pdbx_strand_id   A
#
# COMPACT_ATOMS: atom_id res chain seq x y z
N GLU A 2 10.46 8.72 -7.43
CA GLU A 2 11.27 8.27 -8.57
C GLU A 2 10.93 6.85 -8.94
N CYS A 3 11.28 6.48 -10.16
CA CYS A 3 10.96 5.17 -10.67
C CYS A 3 12.09 4.63 -11.53
N THR A 4 12.74 3.59 -11.01
CA THR A 4 13.74 2.85 -11.75
C THR A 4 13.11 1.54 -12.19
N LYS A 5 13.08 1.33 -13.49
CA LYS A 5 12.42 0.18 -14.11
C LYS A 5 13.36 -0.36 -15.17
N PHE A 6 13.18 -1.60 -15.56
CA PHE A 6 13.94 -2.13 -16.69
C PHE A 6 13.11 -3.06 -17.57
N LYS A 7 12.74 -2.56 -18.73
CA LYS A 7 12.01 -3.33 -19.76
C LYS A 7 10.80 -4.03 -19.18
N VAL A 8 10.07 -3.35 -18.30
CA VAL A 8 8.91 -3.99 -17.71
C VAL A 8 7.90 -4.19 -18.82
N SER A 9 7.14 -5.28 -18.69
CA SER A 9 6.26 -5.73 -19.75
C SER A 9 4.78 -5.63 -19.35
N SER A 10 4.53 -5.20 -18.11
CA SER A 10 3.17 -5.23 -17.58
C SER A 10 3.04 -4.26 -16.42
N CYS A 11 1.79 -3.89 -16.12
CA CYS A 11 1.49 -3.04 -14.98
C CYS A 11 1.99 -3.64 -13.66
N ARG A 12 1.78 -4.93 -13.50
CA ARG A 12 2.26 -5.63 -12.32
C ARG A 12 3.78 -5.47 -12.17
N GLU A 13 4.53 -5.75 -13.24
CA GLU A 13 6.00 -5.62 -13.24
C GLU A 13 6.43 -4.19 -12.91
N CYS A 14 5.68 -3.23 -13.44
CA CYS A 14 5.92 -1.83 -13.17
C CYS A 14 5.77 -1.51 -11.68
N ILE A 15 4.62 -1.88 -11.13
CA ILE A 15 4.29 -1.59 -9.74
C ILE A 15 5.31 -2.27 -8.82
N GLU A 16 5.78 -3.45 -9.20
CA GLU A 16 6.84 -4.11 -8.43
C GLU A 16 8.22 -3.47 -8.52
N SER A 17 8.40 -2.52 -9.44
CA SER A 17 9.73 -1.91 -9.61
C SER A 17 10.03 -0.82 -8.57
N GLY A 18 9.02 -0.45 -7.77
CA GLY A 18 9.24 0.55 -6.75
C GLY A 18 8.01 1.37 -6.45
N PRO A 19 7.97 1.99 -5.25
CA PRO A 19 6.80 2.72 -4.74
C PRO A 19 6.47 4.01 -5.51
N GLY A 20 7.43 4.56 -6.24
CA GLY A 20 7.16 5.73 -7.06
C GLY A 20 6.71 5.40 -8.48
N CYS A 21 6.74 4.13 -8.85
CA CYS A 21 6.37 3.74 -10.22
C CYS A 21 4.87 3.70 -10.39
N THR A 22 4.41 4.24 -11.52
CA THR A 22 3.00 4.17 -11.90
C THR A 22 2.89 3.75 -13.36
N TRP A 23 1.70 3.36 -13.77
CA TRP A 23 1.50 2.79 -15.12
C TRP A 23 0.37 3.43 -15.90
N CYS A 24 0.69 3.85 -17.12
CA CYS A 24 -0.31 4.45 -18.02
C CYS A 24 -1.03 3.36 -18.82
N GLN A 25 -2.36 3.25 -18.66
CA GLN A 25 -3.13 2.27 -19.43
C GLN A 25 -3.76 2.87 -20.68
N LYS A 26 -3.39 4.11 -21.00
CA LYS A 26 -3.98 4.78 -22.18
C LYS A 26 -3.71 3.99 -23.47
N LEU A 27 -4.71 3.82 -24.33
CA LEU A 27 -4.52 3.10 -25.59
C LEU A 27 -3.55 3.85 -26.48
N ASN A 28 -2.66 3.11 -27.14
CA ASN A 28 -1.72 3.69 -28.12
C ASN A 28 -0.70 4.63 -27.52
N PHE A 29 -0.37 4.44 -26.25
CA PHE A 29 0.52 5.35 -25.53
C PHE A 29 1.94 5.24 -26.05
N THR A 30 2.28 4.08 -26.59
CA THR A 30 3.64 3.80 -27.06
C THR A 30 3.82 4.22 -28.51
N GLY A 31 4.82 5.06 -28.75
CA GLY A 31 5.21 5.42 -30.09
C GLY A 31 5.93 4.27 -30.76
N PRO A 32 5.99 4.29 -32.10
CA PRO A 32 6.61 3.27 -32.95
C PRO A 32 7.99 2.79 -32.46
N GLY A 33 8.85 3.73 -32.07
CA GLY A 33 10.18 3.39 -31.59
C GLY A 33 10.31 3.28 -30.08
N ASP A 34 9.23 2.90 -29.41
CA ASP A 34 9.24 2.77 -27.95
C ASP A 34 8.82 1.38 -27.47
N PRO A 35 9.49 0.91 -26.41
CA PRO A 35 9.12 -0.31 -25.70
C PRO A 35 7.90 -0.07 -24.82
N ASP A 36 7.20 -1.14 -24.43
CA ASP A 36 6.05 -1.01 -23.57
C ASP A 36 6.40 -0.39 -22.22
N SER A 37 7.65 -0.53 -21.80
CA SER A 37 8.11 0.03 -20.54
C SER A 37 8.00 1.56 -20.44
N ILE A 38 7.80 2.27 -21.57
CA ILE A 38 7.55 3.70 -21.49
C ILE A 38 6.26 4.01 -20.72
N ARG A 39 5.33 3.06 -20.66
CA ARG A 39 4.12 3.21 -19.83
C ARG A 39 4.41 3.26 -18.33
N CYS A 40 5.61 2.85 -17.95
CA CYS A 40 5.98 2.77 -16.52
C CYS A 40 6.86 3.96 -16.14
N ASP A 41 6.37 4.85 -15.28
CA ASP A 41 7.18 5.98 -14.86
C ASP A 41 6.55 6.67 -13.66
N THR A 42 7.16 7.76 -13.17
CA THR A 42 6.51 8.46 -12.07
C THR A 42 5.28 9.16 -12.61
N ARG A 43 4.34 9.46 -11.72
CA ARG A 43 3.10 10.12 -12.10
C ARG A 43 3.36 11.43 -12.89
N PRO A 44 4.26 12.28 -12.39
CA PRO A 44 4.47 13.53 -13.15
C PRO A 44 5.06 13.30 -14.54
N GLN A 45 5.88 12.27 -14.70
CA GLN A 45 6.45 11.96 -16.01
C GLN A 45 5.36 11.49 -16.97
N LEU A 46 4.43 10.66 -16.50
CA LEU A 46 3.32 10.22 -17.34
C LEU A 46 2.33 11.36 -17.67
N LEU A 47 2.07 12.25 -16.72
CA LEU A 47 1.16 13.36 -16.98
C LEU A 47 1.74 14.24 -18.08
N MET A 48 3.05 14.36 -18.07
CA MET A 48 3.71 15.23 -19.04
C MET A 48 3.66 14.64 -20.44
N ARG A 49 3.52 13.32 -20.56
CA ARG A 49 3.38 12.69 -21.88
C ARG A 49 1.91 12.56 -22.28
N GLY A 50 1.01 13.14 -21.50
CA GLY A 50 -0.38 13.20 -21.91
C GLY A 50 -1.24 12.05 -21.41
N CYS A 51 -0.74 11.28 -20.46
CA CYS A 51 -1.63 10.30 -19.82
C CYS A 51 -2.56 11.04 -18.85
N ALA A 52 -3.87 10.84 -18.99
CA ALA A 52 -4.82 11.44 -18.06
C ALA A 52 -4.69 10.80 -16.67
N ALA A 53 -5.02 11.58 -15.64
CA ALA A 53 -4.92 11.13 -14.26
C ALA A 53 -5.67 9.82 -14.05
N ASP A 54 -6.83 9.65 -14.68
CA ASP A 54 -7.57 8.42 -14.43
C ASP A 54 -7.13 7.22 -15.29
N ASP A 55 -6.16 7.43 -16.17
CA ASP A 55 -5.47 6.32 -16.85
C ASP A 55 -4.13 5.93 -16.19
N ILE A 56 -3.81 6.58 -15.08
CA ILE A 56 -2.58 6.28 -14.38
C ILE A 56 -2.87 5.28 -13.25
N MET A 57 -2.28 4.09 -13.37
CA MET A 57 -2.48 3.04 -12.36
C MET A 57 -1.46 3.19 -11.24
N ASP A 58 -1.93 3.27 -9.99
CA ASP A 58 -1.02 3.60 -8.89
C ASP A 58 -1.59 3.08 -7.60
N PRO A 59 -1.53 1.76 -7.39
CA PRO A 59 -2.05 1.16 -6.16
C PRO A 59 -1.34 1.76 -4.97
N THR A 60 -2.08 2.16 -3.94
CA THR A 60 -1.49 2.92 -2.84
C THR A 60 -1.71 2.21 -1.49
N SER A 61 -0.72 2.25 -0.60
CA SER A 61 -0.90 1.65 0.74
C SER A 61 -2.02 2.36 1.49
N LEU A 62 -2.78 1.60 2.28
CA LEU A 62 -3.98 2.09 2.91
C LEU A 62 -4.11 1.46 4.28
N ALA A 63 -4.57 2.21 5.27
CA ALA A 63 -5.00 1.60 6.54
C ALA A 63 -6.48 1.82 6.79
N GLU A 64 -7.17 0.77 7.22
CA GLU A 64 -8.56 0.84 7.62
C GLU A 64 -8.67 0.33 9.05
N THR A 65 -9.44 1.02 9.89
CA THR A 65 -9.49 0.59 11.28
C THR A 65 -10.89 0.28 11.73
N GLN A 66 -11.01 -0.49 12.81
CA GLN A 66 -12.29 -0.86 13.36
C GLN A 66 -12.28 -0.76 14.88
N GLU A 67 -13.37 -0.29 15.47
CA GLU A 67 -13.51 -0.40 16.92
C GLU A 67 -14.66 -1.36 17.21
N ASP A 68 -14.56 -2.07 18.33
CA ASP A 68 -15.66 -2.88 18.83
C ASP A 68 -16.81 -1.96 19.25
N HIS A 69 -17.90 -2.53 19.74
CA HIS A 69 -18.99 -1.70 20.27
C HIS A 69 -18.50 -0.88 21.46
N ASN A 70 -17.36 -1.28 22.01
CA ASN A 70 -16.57 -0.51 22.97
C ASN A 70 -17.17 -0.45 24.38
N GLY A 71 -17.92 -1.49 24.71
CA GLY A 71 -18.07 -1.86 26.10
C GLY A 71 -16.90 -2.80 26.34
N GLY A 72 -16.34 -3.30 25.23
CA GLY A 72 -15.29 -4.29 25.27
C GLY A 72 -13.86 -3.80 25.16
N GLN A 73 -13.68 -2.55 24.78
CA GLN A 73 -12.32 -2.01 24.61
C GLN A 73 -11.89 -1.13 25.78
N LYS A 74 -10.72 -1.41 26.32
CA LYS A 74 -10.22 -0.66 27.46
C LYS A 74 -9.17 0.36 27.06
N GLN A 75 -7.92 -0.06 27.19
CA GLN A 75 -6.77 0.82 27.17
C GLN A 75 -6.14 1.09 25.81
N LEU A 76 -6.33 0.19 24.84
CA LEU A 76 -5.79 0.43 23.50
C LEU A 76 -6.90 0.52 22.46
N SER A 77 -6.82 1.49 21.57
CA SER A 77 -7.75 1.58 20.45
C SER A 77 -7.03 2.09 19.21
N PRO A 78 -7.46 1.68 18.02
CA PRO A 78 -8.60 0.78 17.73
C PRO A 78 -8.26 -0.66 18.07
N GLN A 79 -9.23 -1.57 17.96
CA GLN A 79 -8.95 -2.98 18.25
C GLN A 79 -8.52 -3.76 17.02
N LYS A 80 -8.93 -3.31 15.84
CA LYS A 80 -8.67 -4.04 14.61
C LYS A 80 -8.24 -3.08 13.51
N VAL A 81 -7.17 -3.44 12.80
CA VAL A 81 -6.64 -2.65 11.69
C VAL A 81 -6.40 -3.55 10.49
N THR A 82 -6.76 -3.08 9.29
CA THR A 82 -6.41 -3.79 8.07
C THR A 82 -5.51 -2.90 7.20
N LEU A 83 -4.36 -3.43 6.82
CA LEU A 83 -3.40 -2.69 6.01
C LEU A 83 -3.26 -3.34 4.63
N TYR A 84 -3.31 -2.49 3.61
CA TYR A 84 -3.03 -2.87 2.24
C TYR A 84 -1.67 -2.27 1.93
N LEU A 85 -0.69 -3.12 1.64
CA LEU A 85 0.70 -2.67 1.60
C LEU A 85 1.27 -2.72 0.21
N ARG A 86 1.49 -1.55 -0.37
CA ARG A 86 2.28 -1.50 -1.59
C ARG A 86 3.76 -1.48 -1.24
N PRO A 87 4.56 -2.34 -1.88
CA PRO A 87 5.97 -2.48 -1.44
C PRO A 87 6.73 -1.14 -1.43
N GLY A 88 7.37 -0.82 -0.31
CA GLY A 88 8.13 0.43 -0.21
C GLY A 88 7.34 1.65 0.24
N GLN A 89 6.01 1.52 0.34
CA GLN A 89 5.15 2.61 0.78
C GLN A 89 4.56 2.32 2.15
N ALA A 90 5.00 3.04 3.16
CA ALA A 90 4.44 2.82 4.50
C ALA A 90 2.94 3.09 4.58
N ALA A 91 2.24 2.23 5.30
CA ALA A 91 0.88 2.51 5.73
C ALA A 91 0.96 2.98 7.16
N ALA A 92 0.24 4.05 7.48
CA ALA A 92 0.33 4.63 8.81
C ALA A 92 -1.02 4.62 9.50
N PHE A 93 -1.03 4.32 10.79
CA PHE A 93 -2.26 4.41 11.60
C PHE A 93 -1.89 4.74 13.03
N ASN A 94 -2.80 5.42 13.74
CA ASN A 94 -2.56 5.80 15.11
C ASN A 94 -3.23 4.89 16.12
N VAL A 95 -2.48 4.54 17.15
CA VAL A 95 -2.98 3.77 18.27
C VAL A 95 -3.03 4.66 19.49
N THR A 96 -4.17 4.66 20.17
CA THR A 96 -4.34 5.49 21.36
C THR A 96 -4.31 4.64 22.62
N PHE A 97 -3.46 5.04 23.57
CA PHE A 97 -3.39 4.40 24.88
C PHE A 97 -4.02 5.31 25.92
N ARG A 98 -4.98 4.78 26.66
CA ARG A 98 -5.69 5.56 27.66
C ARG A 98 -5.99 4.70 28.87
N ARG A 99 -5.61 5.17 30.05
CA ARG A 99 -5.76 4.40 31.27
C ARG A 99 -6.44 5.21 32.38
N ALA A 100 -7.39 4.57 33.07
CA ALA A 100 -8.15 5.23 34.14
C ALA A 100 -7.31 5.44 35.39
N LYS A 101 -6.17 4.74 35.46
CA LYS A 101 -5.23 4.92 36.55
C LYS A 101 -3.99 5.64 36.03
N GLY A 102 -3.17 6.16 36.92
CA GLY A 102 -1.90 6.74 36.53
C GLY A 102 -1.00 5.68 35.94
N TYR A 103 -0.44 5.96 34.77
CA TYR A 103 0.54 5.08 34.15
C TYR A 103 1.90 5.76 34.16
N SER A 104 2.95 4.99 34.39
CA SER A 104 4.29 5.56 34.51
C SER A 104 5.04 5.57 33.18
N ARG A 105 5.35 4.40 32.64
CA ARG A 105 6.03 4.32 31.36
C ARG A 105 5.40 3.24 30.47
N VAL A 106 5.05 3.64 29.27
CA VAL A 106 4.33 2.78 28.34
C VAL A 106 5.18 2.46 27.11
N PHE A 107 5.43 1.17 26.89
CA PHE A 107 6.09 0.71 25.67
C PHE A 107 5.08 0.05 24.76
N LEU A 108 5.11 0.38 23.47
CA LEU A 108 4.27 -0.29 22.48
C LEU A 108 5.15 -1.15 21.59
N ASP A 109 4.81 -2.44 21.42
CA ASP A 109 5.64 -3.36 20.64
C ASP A 109 4.78 -4.38 19.91
N HIS A 110 5.40 -5.15 19.02
CA HIS A 110 4.68 -6.15 18.23
C HIS A 110 5.36 -7.52 18.32
N ASN A 111 4.66 -8.58 17.98
CA ASN A 111 5.32 -9.90 17.96
C ASN A 111 6.24 -10.02 16.75
N ALA A 112 7.15 -11.00 16.80
CA ALA A 112 8.19 -11.17 15.76
C ALA A 112 7.60 -11.28 14.36
N LEU A 113 8.15 -10.48 13.45
CA LEU A 113 7.66 -10.40 12.09
C LEU A 113 8.64 -11.00 11.09
N PRO A 114 8.16 -11.43 9.91
CA PRO A 114 9.10 -11.87 8.88
C PRO A 114 9.96 -10.73 8.36
N ASP A 115 11.03 -11.09 7.65
CA ASP A 115 12.00 -10.12 7.14
C ASP A 115 11.38 -9.11 6.17
N THR A 116 10.26 -9.49 5.58
CA THR A 116 9.57 -8.65 4.58
C THR A 116 8.77 -7.48 5.16
N LEU A 117 8.60 -7.44 6.48
CA LEU A 117 7.81 -6.40 7.12
C LEU A 117 8.63 -5.55 8.08
N LYS A 118 8.55 -4.24 7.94
CA LYS A 118 9.27 -3.31 8.83
C LYS A 118 8.24 -2.46 9.55
N VAL A 119 8.38 -2.33 10.87
CA VAL A 119 7.47 -1.51 11.65
C VAL A 119 8.23 -0.47 12.45
N THR A 120 7.81 0.79 12.36
CA THR A 120 8.33 1.81 13.25
C THR A 120 7.20 2.53 13.97
N TYR A 121 7.57 3.20 15.06
CA TYR A 121 6.62 3.90 15.90
C TYR A 121 7.03 5.36 16.09
N ASP A 122 6.08 6.27 15.95
CA ASP A 122 6.26 7.63 16.47
C ASP A 122 5.51 7.69 17.80
N SER A 123 6.10 8.32 18.81
CA SER A 123 5.43 8.43 20.10
C SER A 123 5.09 9.89 20.39
N PHE A 124 3.80 10.20 20.48
CA PHE A 124 3.36 11.55 20.82
C PHE A 124 3.02 11.59 22.31
N CYS A 125 4.05 11.83 23.12
CA CYS A 125 3.93 11.76 24.56
C CYS A 125 3.44 13.06 25.17
N SER A 126 3.16 13.04 26.47
CA SER A 126 2.75 14.24 27.19
C SER A 126 3.84 15.29 27.13
N ASN A 127 3.45 16.53 27.40
CA ASN A 127 4.39 17.67 27.39
C ASN A 127 5.04 17.86 26.02
N GLY A 128 4.29 17.58 24.96
CA GLY A 128 4.76 17.80 23.61
C GLY A 128 6.04 17.04 23.26
N VAL A 129 6.35 16.01 24.04
CA VAL A 129 7.52 15.19 23.77
C VAL A 129 7.21 14.18 22.68
N THR A 130 7.95 14.25 21.57
CA THR A 130 7.71 13.39 20.43
C THR A 130 8.98 12.65 19.98
N HIS A 131 8.85 11.35 19.74
CA HIS A 131 9.93 10.56 19.15
C HIS A 131 9.47 10.04 17.79
N ARG A 132 10.40 9.92 16.86
CA ARG A 132 10.03 9.58 15.49
C ARG A 132 10.77 8.33 15.04
N ASN A 133 10.06 7.45 14.33
CA ASN A 133 10.67 6.31 13.64
C ASN A 133 11.52 5.39 14.51
N GLN A 134 11.02 5.05 15.69
CA GLN A 134 11.74 4.18 16.61
C GLN A 134 11.31 2.71 16.46
N PRO A 135 12.09 1.77 17.03
CA PRO A 135 11.72 0.34 16.91
C PRO A 135 10.50 -0.02 17.76
N ARG A 136 10.24 0.77 18.79
CA ARG A 136 9.04 0.57 19.57
C ARG A 136 8.53 1.89 20.12
N GLY A 137 7.26 1.90 20.53
CA GLY A 137 6.67 3.07 21.14
C GLY A 137 7.19 3.23 22.56
N ASP A 138 7.36 4.47 23.00
CA ASP A 138 7.98 4.71 24.31
C ASP A 138 7.56 6.08 24.83
N CYS A 139 6.71 6.09 25.85
CA CYS A 139 6.32 7.33 26.53
C CYS A 139 6.51 7.22 28.03
N ASP A 140 6.91 8.34 28.64
CA ASP A 140 7.15 8.37 30.07
C ASP A 140 6.15 9.30 30.76
N GLY A 141 5.60 8.86 31.88
CA GLY A 141 4.72 9.69 32.67
C GLY A 141 3.40 10.01 32.01
N VAL A 142 2.45 9.07 32.08
CA VAL A 142 1.11 9.30 31.56
C VAL A 142 0.13 9.62 32.69
N GLN A 143 -0.42 10.82 32.70
CA GLN A 143 -1.39 11.18 33.72
C GLN A 143 -2.68 10.37 33.57
N ILE A 144 -3.68 10.67 34.37
CA ILE A 144 -4.88 9.84 34.40
C ILE A 144 -5.90 10.23 33.34
N ASN A 145 -6.36 9.22 32.62
CA ASN A 145 -7.33 9.38 31.53
C ASN A 145 -6.90 10.39 30.46
N VAL A 146 -5.60 10.66 30.37
CA VAL A 146 -5.09 11.44 29.25
C VAL A 146 -4.50 10.48 28.23
N PRO A 147 -5.02 10.57 27.00
CA PRO A 147 -4.55 9.64 25.97
C PRO A 147 -3.14 9.99 25.51
N ILE A 148 -2.36 8.99 25.13
CA ILE A 148 -1.15 9.24 24.39
C ILE A 148 -1.31 8.51 23.07
N THR A 149 -0.67 9.02 22.03
CA THR A 149 -0.89 8.48 20.70
C THR A 149 0.42 7.96 20.16
N PHE A 150 0.36 6.78 19.53
CA PHE A 150 1.50 6.23 18.83
C PHE A 150 1.17 6.13 17.35
N GLN A 151 2.06 6.63 16.50
CA GLN A 151 1.84 6.45 15.07
C GLN A 151 2.65 5.26 14.58
N VAL A 152 1.93 4.22 14.14
CA VAL A 152 2.57 3.02 13.64
C VAL A 152 2.71 3.11 12.13
N LYS A 153 3.92 2.85 11.64
CA LYS A 153 4.14 2.83 10.20
C LYS A 153 4.64 1.46 9.79
N VAL A 154 3.93 0.82 8.86
CA VAL A 154 4.27 -0.52 8.41
C VAL A 154 4.62 -0.53 6.92
N THR A 155 5.80 -1.06 6.59
CA THR A 155 6.24 -1.14 5.19
C THR A 155 6.62 -2.55 4.79
N ALA A 156 6.05 -3.02 3.69
CA ALA A 156 6.45 -4.30 3.10
C ALA A 156 7.55 -4.09 2.07
N THR A 157 8.53 -5.00 2.05
CA THR A 157 9.62 -4.90 1.09
C THR A 157 9.32 -5.61 -0.23
N GLU A 158 8.23 -6.36 -0.27
CA GLU A 158 7.81 -7.02 -1.49
C GLU A 158 6.32 -7.31 -1.40
N CYS A 159 5.75 -7.92 -2.43
CA CYS A 159 4.34 -8.27 -2.40
C CYS A 159 4.18 -9.44 -1.44
N ILE A 160 3.59 -9.20 -0.26
CA ILE A 160 3.59 -10.25 0.76
C ILE A 160 2.39 -11.14 0.68
N GLN A 161 2.50 -12.31 1.29
CA GLN A 161 1.34 -13.13 1.54
C GLN A 161 0.59 -12.55 2.75
N GLU A 162 -0.75 -12.59 2.71
CA GLU A 162 -1.55 -12.07 3.82
C GLU A 162 -1.18 -12.74 5.14
N GLN A 163 -1.16 -11.97 6.22
CA GLN A 163 -0.90 -12.52 7.54
C GLN A 163 -1.45 -11.55 8.57
N SER A 164 -1.44 -11.96 9.84
CA SER A 164 -1.73 -11.01 10.89
C SER A 164 -0.57 -10.91 11.85
N PHE A 165 -0.62 -9.90 12.72
CA PHE A 165 0.27 -9.79 13.87
C PHE A 165 -0.43 -8.93 14.90
N VAL A 166 0.18 -8.78 16.08
CA VAL A 166 -0.44 -8.00 17.14
C VAL A 166 0.48 -6.91 17.64
N ILE A 167 -0.15 -5.84 18.12
CA ILE A 167 0.51 -4.78 18.84
C ILE A 167 -0.02 -4.76 20.25
N ARG A 168 0.88 -4.66 21.23
CA ARG A 168 0.52 -4.66 22.65
C ARG A 168 1.30 -3.57 23.37
N ALA A 169 0.71 -3.03 24.44
CA ALA A 169 1.44 -2.22 25.40
C ALA A 169 1.96 -3.14 26.50
N LEU A 170 3.26 -3.10 26.75
CA LEU A 170 3.87 -4.05 27.66
C LEU A 170 3.28 -3.90 29.06
N GLY A 171 2.93 -5.02 29.68
CA GLY A 171 2.34 -4.98 31.01
C GLY A 171 0.83 -4.93 31.02
N PHE A 172 0.23 -4.85 29.82
CA PHE A 172 -1.23 -4.81 29.69
C PHE A 172 -1.71 -5.91 28.75
N THR A 173 -2.94 -6.35 28.94
CA THR A 173 -3.47 -7.51 28.21
C THR A 173 -4.18 -7.13 26.91
N ASP A 174 -4.36 -5.82 26.68
CA ASP A 174 -5.01 -5.32 25.46
C ASP A 174 -4.25 -5.75 24.20
N ILE A 175 -4.99 -5.94 23.11
CA ILE A 175 -4.40 -6.34 21.84
C ILE A 175 -4.97 -5.50 20.70
N VAL A 176 -4.09 -5.00 19.83
CA VAL A 176 -4.50 -4.44 18.53
C VAL A 176 -4.18 -5.51 17.50
N THR A 177 -5.20 -6.00 16.81
CA THR A 177 -4.98 -7.01 15.80
C THR A 177 -4.75 -6.33 14.46
N VAL A 178 -3.62 -6.65 13.84
CA VAL A 178 -3.27 -6.03 12.55
C VAL A 178 -3.29 -7.07 11.47
N GLN A 179 -4.18 -6.89 10.49
CA GLN A 179 -4.21 -7.75 9.32
C GLN A 179 -3.48 -7.06 8.18
N VAL A 180 -2.55 -7.77 7.53
CA VAL A 180 -1.78 -7.21 6.42
CA VAL A 180 -1.86 -7.15 6.40
C VAL A 180 -2.13 -7.93 5.11
N LEU A 181 -2.29 -7.18 4.03
CA LEU A 181 -2.62 -7.72 2.71
C LEU A 181 -1.74 -7.00 1.70
N PRO A 182 -1.35 -7.69 0.62
CA PRO A 182 -0.58 -7.00 -0.42
C PRO A 182 -1.42 -5.98 -1.18
N GLN A 183 -0.75 -4.98 -1.73
CA GLN A 183 -1.42 -4.00 -2.58
C GLN A 183 -0.57 -3.90 -3.84
N CYS A 184 -0.66 -4.91 -4.68
CA CYS A 184 0.22 -4.99 -5.84
C CYS A 184 -0.54 -5.17 -7.18
N GLU A 185 -1.86 -5.13 -7.15
CA GLU A 185 -2.60 -5.38 -8.39
C GLU A 185 -3.08 -4.09 -9.02
N CYS A 186 -3.01 -4.00 -10.34
CA CYS A 186 -3.59 -2.90 -11.07
C CYS A 186 -5.05 -3.21 -11.41
N ARG A 187 -5.93 -2.26 -11.18
CA ARG A 187 -7.31 -2.39 -11.59
C ARG A 187 -7.57 -1.62 -12.89
N CYS A 188 -7.11 -2.20 -14.00
CA CYS A 188 -7.19 -1.53 -15.29
C CYS A 188 -8.53 -1.76 -15.96
N ARG A 189 -8.80 -0.94 -16.96
CA ARG A 189 -9.98 -1.08 -17.79
C ARG A 189 -9.88 -2.33 -18.62
N ASP A 190 -10.94 -3.15 -18.63
CA ASP A 190 -10.93 -4.27 -19.55
C ASP A 190 -11.82 -3.98 -20.74
N GLN A 191 -11.96 -4.98 -21.60
CA GLN A 191 -12.54 -4.82 -22.91
C GLN A 191 -14.01 -5.23 -23.01
N SER A 192 -14.65 -5.41 -21.85
CA SER A 192 -16.00 -5.98 -21.84
C SER A 192 -17.02 -5.17 -22.61
N ARG A 193 -16.84 -3.86 -22.68
CA ARG A 193 -17.88 -3.06 -23.36
C ARG A 193 -17.52 -2.62 -24.77
N ASP A 194 -16.53 -3.26 -25.39
CA ASP A 194 -16.15 -2.93 -26.76
C ASP A 194 -15.45 -4.09 -27.48
N ARG A 195 -16.22 -4.78 -28.33
CA ARG A 195 -15.69 -5.84 -29.18
C ARG A 195 -14.75 -5.33 -30.27
N SER A 196 -14.63 -4.00 -30.43
CA SER A 196 -13.69 -3.47 -31.40
C SER A 196 -12.29 -3.30 -30.82
N LEU A 197 -12.17 -3.33 -29.50
CA LEU A 197 -10.84 -3.18 -28.89
C LEU A 197 -9.92 -4.33 -29.32
N CYS A 198 -8.67 -3.97 -29.64
CA CYS A 198 -7.68 -4.93 -30.16
C CYS A 198 -8.22 -5.63 -31.41
N HIS A 199 -9.08 -4.93 -32.15
CA HIS A 199 -9.72 -5.47 -33.35
C HIS A 199 -10.54 -6.72 -33.07
N GLY A 200 -10.89 -6.93 -31.80
CA GLY A 200 -11.58 -8.14 -31.39
C GLY A 200 -10.77 -9.40 -31.64
N LYS A 201 -9.44 -9.26 -31.70
CA LYS A 201 -8.56 -10.39 -31.97
C LYS A 201 -7.42 -10.45 -30.95
N GLY A 202 -7.68 -9.97 -29.74
CA GLY A 202 -6.71 -10.06 -28.66
C GLY A 202 -7.34 -9.65 -27.35
N PHE A 203 -6.60 -9.85 -26.27
CA PHE A 203 -7.03 -9.42 -24.95
C PHE A 203 -6.39 -8.08 -24.57
N LEU A 204 -7.20 -7.15 -24.08
CA LEU A 204 -6.71 -5.87 -23.61
C LEU A 204 -6.28 -5.98 -22.14
N GLU A 205 -5.01 -5.72 -21.86
CA GLU A 205 -4.48 -5.87 -20.50
C GLU A 205 -3.68 -4.64 -20.12
N CYS A 206 -4.32 -3.78 -19.33
CA CYS A 206 -3.75 -2.53 -18.85
C CYS A 206 -3.21 -1.68 -19.99
N GLY A 207 -3.97 -1.61 -21.07
CA GLY A 207 -3.61 -0.76 -22.19
C GLY A 207 -2.87 -1.42 -23.34
N ILE A 208 -2.43 -2.66 -23.13
CA ILE A 208 -1.66 -3.40 -24.13
C ILE A 208 -2.51 -4.55 -24.71
N CYS A 209 -2.50 -4.68 -26.03
CA CYS A 209 -3.20 -5.78 -26.70
C CYS A 209 -2.32 -7.03 -26.76
N ARG A 210 -2.80 -8.13 -26.18
CA ARG A 210 -2.15 -9.42 -26.29
C ARG A 210 -2.87 -10.22 -27.37
N CYS A 211 -2.29 -10.27 -28.57
CA CYS A 211 -3.05 -10.72 -29.73
C CYS A 211 -3.23 -12.22 -29.76
N ASP A 212 -4.38 -12.65 -30.28
CA ASP A 212 -4.66 -14.06 -30.52
C ASP A 212 -3.67 -14.64 -31.51
N THR A 213 -3.36 -15.92 -31.37
CA THR A 213 -2.50 -16.63 -32.31
C THR A 213 -2.86 -16.33 -33.76
N GLY A 214 -1.86 -15.99 -34.56
CA GLY A 214 -2.06 -15.69 -35.97
C GLY A 214 -2.25 -14.20 -36.24
N TYR A 215 -2.41 -13.43 -35.17
CA TYR A 215 -2.59 -11.99 -35.32
C TYR A 215 -1.40 -11.25 -34.72
N ILE A 216 -1.04 -10.14 -35.35
CA ILE A 216 0.10 -9.35 -34.89
C ILE A 216 -0.18 -7.87 -35.13
N GLY A 217 0.60 -7.00 -34.52
CA GLY A 217 0.34 -5.58 -34.58
C GLY A 217 0.00 -5.07 -33.19
N LYS A 218 0.26 -3.80 -32.92
CA LYS A 218 -0.07 -3.24 -31.60
C LYS A 218 -1.57 -3.28 -31.31
N ASN A 219 -2.40 -3.31 -32.35
CA ASN A 219 -3.83 -3.43 -32.16
C ASN A 219 -4.39 -4.70 -32.78
N CYS A 220 -3.51 -5.68 -33.01
CA CYS A 220 -3.87 -6.97 -33.57
C CYS A 220 -4.51 -6.81 -34.94
N GLU A 221 -4.03 -5.82 -35.69
CA GLU A 221 -4.60 -5.48 -36.98
C GLU A 221 -4.06 -6.33 -38.14
N HIS A 222 -2.84 -6.84 -38.00
CA HIS A 222 -2.22 -7.63 -39.06
C HIS A 222 -2.43 -9.12 -38.85
N HIS A 223 -2.67 -9.84 -39.94
CA HIS A 223 -2.98 -11.26 -39.88
C HIS A 223 -1.95 -12.06 -40.66
N HIS A 224 -1.26 -12.98 -40.00
CA HIS A 224 -0.36 -13.89 -40.71
C HIS A 224 -0.70 -15.34 -40.36
#